data_7IB4
#
_entry.id   7IB4
#
_cell.length_a   60.340
_cell.length_b   60.340
_cell.length_c   215.290
_cell.angle_alpha   90.00
_cell.angle_beta   90.00
_cell.angle_gamma   90.00
#
_symmetry.space_group_name_H-M   'P 43 21 2'
#
loop_
_entity.id
_entity.type
_entity.pdbx_description
1 polymer 'NS2B co-factor'
2 polymer 'NS3 protease'
3 non-polymer (3R,4S)-4-phenoxypyrrolidin-3-ol
4 water water
#
loop_
_entity_poly.entity_id
_entity_poly.type
_entity_poly.pdbx_seq_one_letter_code
_entity_poly.pdbx_strand_id
1 'polypeptide(L)' MTGKSVDMYIERAGDITWEKDAEVTGNSPRLDVALDESGDFSLVEEDGPPMRE A,C
2 'polypeptide(L)'
;GALWDVPAPKEVKKGETTDGVYRVMTRRLLGSTQVGVGVMQEGVFHTMWHVTKGAALRSGEGRLDPYWGDVKQDLVSYCG
PWKLDAAWDGLSEVQLLAVPPGERAKNIQTLPGIFKTKDGDIGAVALDYPAGTSGSPILDKSGRVIGLYGNGVVIKNGSY
VSAITQGKREEETPVE
;
B,D
#
loop_
_chem_comp.id
_chem_comp.type
_chem_comp.name
_chem_comp.formula
A1CDQ non-polymer (3R,4S)-4-phenoxypyrrolidin-3-ol 'C10 H13 N O2'
#
# COMPACT_ATOMS: atom_id res chain seq x y z
N VAL A 6 15.03 -3.60 -18.77
CA VAL A 6 14.11 -3.69 -17.65
C VAL A 6 13.09 -4.81 -17.89
N ASP A 7 13.20 -5.86 -17.09
CA ASP A 7 12.33 -7.03 -17.21
C ASP A 7 10.99 -6.73 -16.52
N MET A 8 9.91 -6.70 -17.29
CA MET A 8 8.54 -6.63 -16.76
C MET A 8 7.89 -8.00 -16.92
N TYR A 9 7.23 -8.48 -15.87
CA TYR A 9 6.70 -9.85 -15.86
C TYR A 9 5.44 -9.91 -15.03
N ILE A 10 4.63 -10.96 -15.25
CA ILE A 10 3.34 -11.05 -14.59
C ILE A 10 3.26 -12.33 -13.75
N GLU A 11 2.53 -12.22 -12.63
CA GLU A 11 2.33 -13.31 -11.69
C GLU A 11 0.84 -13.38 -11.37
N ARG A 12 0.25 -14.57 -11.47
CA ARG A 12 -1.17 -14.69 -11.18
C ARG A 12 -1.41 -14.43 -9.70
N ALA A 13 -2.49 -13.69 -9.41
CA ALA A 13 -2.84 -13.32 -8.05
C ALA A 13 -4.23 -13.76 -7.63
N GLY A 14 -5.08 -14.16 -8.56
CA GLY A 14 -6.38 -14.67 -8.16
C GLY A 14 -7.32 -14.86 -9.32
N ASP A 15 -8.49 -15.40 -8.98
CA ASP A 15 -9.63 -15.50 -9.87
C ASP A 15 -10.37 -14.17 -9.91
N ILE A 16 -11.10 -13.95 -10.99
CA ILE A 16 -11.96 -12.77 -11.09
C ILE A 16 -13.33 -13.21 -10.58
N THR A 17 -13.61 -12.88 -9.32
N THR A 17 -13.62 -12.89 -9.33
CA THR A 17 -14.83 -13.34 -8.67
CA THR A 17 -14.84 -13.32 -8.69
C THR A 17 -15.33 -12.27 -7.72
C THR A 17 -15.34 -12.24 -7.75
N TRP A 18 -16.65 -12.14 -7.66
CA TRP A 18 -17.31 -11.34 -6.64
C TRP A 18 -17.26 -12.11 -5.32
N GLU A 19 -16.97 -11.40 -4.22
CA GLU A 19 -16.93 -11.99 -2.89
C GLU A 19 -18.10 -11.48 -2.03
N LYS A 20 -18.93 -12.40 -1.54
CA LYS A 20 -20.12 -11.99 -0.78
C LYS A 20 -19.76 -11.29 0.52
N ASP A 21 -18.59 -11.59 1.08
CA ASP A 21 -18.15 -11.10 2.38
C ASP A 21 -17.20 -9.91 2.27
N ALA A 22 -17.41 -9.04 1.30
CA ALA A 22 -16.45 -7.98 1.04
C ALA A 22 -16.67 -6.78 1.97
N GLU A 23 -15.55 -6.19 2.40
CA GLU A 23 -15.58 -4.86 3.02
C GLU A 23 -16.30 -3.88 2.12
N VAL A 24 -17.11 -3.00 2.72
CA VAL A 24 -17.86 -1.99 1.98
C VAL A 24 -17.43 -0.61 2.45
N THR A 25 -16.93 0.21 1.52
CA THR A 25 -16.50 1.54 1.92
C THR A 25 -16.46 2.47 0.74
N GLY A 26 -16.31 3.74 1.04
CA GLY A 26 -16.11 4.75 0.03
C GLY A 26 -17.38 5.51 -0.28
N ASN A 27 -17.23 6.79 -0.60
N ASN A 27 -17.20 6.77 -0.67
CA ASN A 27 -18.39 7.59 -0.94
CA ASN A 27 -18.30 7.65 -1.05
C ASN A 27 -18.59 7.58 -2.45
C ASN A 27 -18.62 7.50 -2.54
N SER A 28 -19.59 8.33 -2.92
N SER A 28 -19.57 8.32 -3.00
CA SER A 28 -20.02 8.32 -4.33
CA SER A 28 -20.03 8.29 -4.39
C SER A 28 -20.16 9.74 -4.84
C SER A 28 -20.16 9.71 -4.91
N PRO A 29 -19.05 10.44 -5.00
CA PRO A 29 -19.10 11.82 -5.47
C PRO A 29 -19.49 11.98 -6.92
N ARG A 30 -20.16 13.09 -7.21
CA ARG A 30 -20.51 13.49 -8.57
C ARG A 30 -19.65 14.69 -8.94
N LEU A 31 -18.80 14.51 -9.95
CA LEU A 31 -17.78 15.48 -10.30
C LEU A 31 -17.88 15.79 -11.78
N ASP A 32 -17.74 17.08 -12.12
CA ASP A 32 -17.54 17.50 -13.50
C ASP A 32 -16.07 17.42 -13.84
N VAL A 33 -15.75 16.71 -14.93
CA VAL A 33 -14.36 16.55 -15.34
C VAL A 33 -14.26 16.64 -16.86
N ALA A 34 -13.04 16.95 -17.31
CA ALA A 34 -12.65 16.92 -18.70
C ALA A 34 -11.51 15.94 -18.87
N LEU A 35 -11.46 15.29 -20.03
CA LEU A 35 -10.41 14.32 -20.32
C LEU A 35 -9.63 14.87 -21.51
N ASP A 36 -8.34 15.14 -21.29
CA ASP A 36 -7.53 15.74 -22.32
C ASP A 36 -6.81 14.66 -23.14
N GLU A 37 -6.03 15.14 -24.10
CA GLU A 37 -5.43 14.24 -25.08
C GLU A 37 -4.42 13.29 -24.45
N SER A 38 -3.82 13.70 -23.34
CA SER A 38 -2.84 12.85 -22.68
C SER A 38 -3.46 11.83 -21.75
N GLY A 39 -4.78 11.69 -21.76
CA GLY A 39 -5.45 10.77 -20.90
C GLY A 39 -5.61 11.26 -19.48
N ASP A 40 -5.34 12.54 -19.24
CA ASP A 40 -5.44 13.12 -17.91
C ASP A 40 -6.82 13.72 -17.69
N PHE A 41 -7.47 13.27 -16.62
CA PHE A 41 -8.70 13.88 -16.14
C PHE A 41 -8.37 15.13 -15.32
N SER A 42 -9.16 16.18 -15.51
CA SER A 42 -9.08 17.36 -14.67
C SER A 42 -10.49 17.78 -14.27
N LEU A 43 -10.59 18.45 -13.15
CA LEU A 43 -11.87 18.95 -12.70
C LEU A 43 -12.26 20.16 -13.53
N VAL A 44 -13.56 20.36 -13.68
CA VAL A 44 -14.11 21.49 -14.40
C VAL A 44 -15.14 22.19 -13.53
N GLU A 45 -15.26 23.50 -13.72
CA GLU A 45 -16.28 24.26 -13.04
C GLU A 45 -16.94 25.22 -14.04
N THR B 17 -1.17 -17.28 -19.56
CA THR B 17 -2.34 -17.45 -20.42
C THR B 17 -3.63 -17.71 -19.62
N THR B 18 -3.51 -18.28 -18.43
CA THR B 18 -4.68 -18.65 -17.64
C THR B 18 -5.49 -17.41 -17.21
N ASP B 19 -6.82 -17.52 -17.32
CA ASP B 19 -7.70 -16.44 -16.89
C ASP B 19 -7.39 -16.06 -15.45
N GLY B 20 -7.46 -14.78 -15.15
CA GLY B 20 -7.29 -14.34 -13.78
C GLY B 20 -6.83 -12.90 -13.68
N VAL B 21 -6.67 -12.46 -12.43
CA VAL B 21 -6.05 -11.16 -12.16
C VAL B 21 -4.58 -11.42 -11.85
N TYR B 22 -3.70 -10.54 -12.36
CA TYR B 22 -2.25 -10.72 -12.31
C TYR B 22 -1.55 -9.47 -11.78
N ARG B 23 -0.49 -9.65 -11.01
CA ARG B 23 0.46 -8.57 -10.72
C ARG B 23 1.38 -8.32 -11.92
N VAL B 24 1.70 -7.06 -12.15
CA VAL B 24 2.69 -6.64 -13.13
C VAL B 24 3.89 -6.17 -12.36
N MET B 25 5.01 -6.85 -12.54
CA MET B 25 6.22 -6.71 -11.73
C MET B 25 7.34 -6.20 -12.63
N THR B 26 8.31 -5.51 -12.04
CA THR B 26 9.49 -5.06 -12.76
C THR B 26 10.74 -5.38 -11.95
N ARG B 27 11.85 -5.48 -12.68
CA ARG B 27 13.19 -5.50 -12.09
C ARG B 27 14.08 -4.44 -12.73
N GLY B 31 16.32 -5.62 -7.04
CA GLY B 31 15.09 -6.19 -6.50
C GLY B 31 13.85 -6.00 -7.37
N SER B 32 12.72 -6.55 -6.94
CA SER B 32 11.49 -6.51 -7.70
C SER B 32 10.47 -5.61 -7.01
N THR B 33 9.65 -4.98 -7.84
CA THR B 33 8.64 -4.01 -7.42
C THR B 33 7.38 -4.27 -8.23
N GLN B 34 6.22 -4.11 -7.61
CA GLN B 34 4.95 -4.25 -8.31
C GLN B 34 4.57 -2.89 -8.87
N VAL B 35 4.49 -2.79 -10.19
CA VAL B 35 4.10 -1.53 -10.81
C VAL B 35 2.63 -1.46 -11.17
N GLY B 36 1.94 -2.59 -11.24
CA GLY B 36 0.51 -2.55 -11.51
C GLY B 36 -0.12 -3.92 -11.50
N VAL B 37 -1.30 -4.00 -12.14
CA VAL B 37 -2.17 -5.16 -12.13
C VAL B 37 -2.79 -5.25 -13.53
N GLY B 38 -3.23 -6.45 -13.89
CA GLY B 38 -3.99 -6.58 -15.11
C GLY B 38 -4.85 -7.82 -15.10
N VAL B 39 -5.64 -7.97 -16.17
CA VAL B 39 -6.67 -8.98 -16.29
C VAL B 39 -6.37 -9.83 -17.51
N MET B 40 -6.25 -11.13 -17.31
CA MET B 40 -6.21 -12.09 -18.40
C MET B 40 -7.61 -12.61 -18.65
N GLN B 41 -8.11 -12.43 -19.88
CA GLN B 41 -9.40 -12.98 -20.24
C GLN B 41 -9.38 -13.31 -21.73
N GLU B 42 -9.85 -14.52 -22.07
CA GLU B 42 -9.95 -14.96 -23.45
C GLU B 42 -8.61 -14.83 -24.19
N GLY B 43 -7.53 -15.13 -23.46
CA GLY B 43 -6.21 -15.16 -24.05
C GLY B 43 -5.56 -13.81 -24.25
N VAL B 44 -6.15 -12.75 -23.71
CA VAL B 44 -5.70 -11.38 -23.87
C VAL B 44 -5.41 -10.81 -22.49
N PHE B 45 -4.27 -10.14 -22.34
CA PHE B 45 -3.92 -9.45 -21.10
C PHE B 45 -4.29 -7.98 -21.26
N HIS B 46 -5.01 -7.48 -20.27
CA HIS B 46 -5.53 -6.12 -20.23
C HIS B 46 -4.94 -5.36 -19.05
N THR B 47 -4.39 -4.18 -19.33
CA THR B 47 -3.91 -3.33 -18.23
C THR B 47 -3.95 -1.88 -18.69
N MET B 48 -3.43 -0.99 -17.85
CA MET B 48 -3.46 0.44 -18.14
C MET B 48 -2.15 0.85 -18.77
N TRP B 49 -2.24 1.74 -19.76
CA TRP B 49 -1.06 2.18 -20.46
C TRP B 49 0.00 2.70 -19.52
N HIS B 50 -0.41 3.51 -18.52
CA HIS B 50 0.59 4.12 -17.65
C HIS B 50 1.35 3.10 -16.82
N VAL B 51 0.84 1.87 -16.73
CA VAL B 51 1.55 0.84 -15.97
C VAL B 51 2.74 0.30 -16.76
N THR B 52 2.54 -0.08 -18.03
CA THR B 52 3.58 -0.70 -18.82
C THR B 52 4.15 0.16 -19.95
N LYS B 53 3.44 1.23 -20.34
CA LYS B 53 3.79 2.02 -21.53
C LYS B 53 3.91 1.12 -22.75
N GLY B 54 3.19 0.01 -22.74
CA GLY B 54 3.16 -0.88 -23.89
C GLY B 54 4.29 -1.88 -23.94
N ALA B 55 5.23 -1.85 -23.00
CA ALA B 55 6.35 -2.76 -23.07
C ALA B 55 5.90 -4.21 -23.08
N ALA B 56 6.67 -5.06 -23.77
CA ALA B 56 6.38 -6.50 -23.73
C ALA B 56 6.53 -7.02 -22.30
N LEU B 57 5.79 -8.10 -22.01
CA LEU B 57 5.71 -8.69 -20.69
C LEU B 57 6.10 -10.16 -20.73
N ARG B 58 6.90 -10.57 -19.77
CA ARG B 58 7.22 -11.98 -19.61
C ARG B 58 6.15 -12.67 -18.80
N SER B 59 5.82 -13.89 -19.20
CA SER B 59 4.86 -14.73 -18.47
C SER B 59 5.41 -16.15 -18.50
N GLY B 60 6.06 -16.53 -17.41
CA GLY B 60 6.74 -17.82 -17.43
C GLY B 60 7.94 -17.69 -18.35
N GLU B 61 8.09 -18.66 -19.25
CA GLU B 61 9.10 -18.56 -20.30
C GLU B 61 8.55 -17.94 -21.58
N GLY B 62 7.27 -17.55 -21.61
CA GLY B 62 6.70 -16.92 -22.78
C GLY B 62 6.79 -15.41 -22.71
N ARG B 63 6.55 -14.77 -23.85
CA ARG B 63 6.52 -13.32 -23.96
C ARG B 63 5.14 -12.89 -24.46
N LEU B 64 4.60 -11.84 -23.86
CA LEU B 64 3.35 -11.25 -24.31
C LEU B 64 3.67 -9.94 -25.00
N ASP B 65 3.27 -9.81 -26.24
CA ASP B 65 3.54 -8.60 -27.00
C ASP B 65 2.29 -7.73 -27.09
N PRO B 66 2.47 -6.40 -27.08
CA PRO B 66 1.32 -5.51 -27.19
C PRO B 66 0.63 -5.65 -28.55
N TYR B 67 -0.69 -5.45 -28.53
CA TYR B 67 -1.55 -5.60 -29.69
C TYR B 67 -2.32 -4.33 -30.01
N TRP B 68 -2.80 -3.67 -28.97
CA TRP B 68 -3.55 -2.42 -29.11
C TRP B 68 -3.22 -1.56 -27.91
N GLY B 69 -3.15 -0.26 -28.13
CA GLY B 69 -3.08 0.65 -26.99
C GLY B 69 -3.54 2.04 -27.36
N ASP B 70 -3.90 2.80 -26.32
CA ASP B 70 -4.40 4.15 -26.52
C ASP B 70 -4.11 4.98 -25.28
N VAL B 71 -3.30 6.02 -25.45
CA VAL B 71 -2.91 6.87 -24.31
C VAL B 71 -4.12 7.63 -23.74
N LYS B 72 -5.02 8.10 -24.59
CA LYS B 72 -6.15 8.87 -24.05
C LYS B 72 -7.05 8.01 -23.18
N GLN B 73 -7.29 6.76 -23.58
CA GLN B 73 -8.08 5.87 -22.73
C GLN B 73 -7.26 5.31 -21.58
N ASP B 74 -5.92 5.41 -21.67
CA ASP B 74 -4.97 4.86 -20.71
C ASP B 74 -5.11 3.34 -20.62
N LEU B 75 -5.23 2.69 -21.78
CA LEU B 75 -5.40 1.24 -21.81
C LEU B 75 -4.47 0.59 -22.82
N VAL B 76 -4.17 -0.68 -22.58
CA VAL B 76 -3.37 -1.47 -23.50
C VAL B 76 -3.79 -2.94 -23.39
N SER B 77 -3.79 -3.63 -24.53
CA SER B 77 -4.02 -5.07 -24.55
C SER B 77 -2.86 -5.78 -25.23
N TYR B 78 -2.63 -7.01 -24.80
CA TYR B 78 -1.56 -7.87 -25.23
C TYR B 78 -2.15 -9.13 -25.81
N CYS B 79 -1.58 -9.60 -26.91
CA CYS B 79 -1.86 -10.87 -27.57
C CYS B 79 -3.12 -10.86 -28.41
N GLY B 80 -3.91 -9.82 -28.35
CA GLY B 80 -5.15 -9.77 -29.06
C GLY B 80 -5.87 -8.51 -28.72
N PRO B 81 -7.03 -8.29 -29.32
CA PRO B 81 -7.80 -7.07 -29.05
C PRO B 81 -8.45 -7.10 -27.69
N TRP B 82 -8.75 -5.89 -27.20
CA TRP B 82 -9.45 -5.68 -25.93
C TRP B 82 -10.75 -6.47 -25.91
N LYS B 83 -10.93 -7.30 -24.86
CA LYS B 83 -12.05 -8.21 -24.78
C LYS B 83 -13.11 -7.82 -23.78
N LEU B 84 -12.82 -6.88 -22.89
CA LEU B 84 -13.73 -6.60 -21.78
C LEU B 84 -14.72 -5.54 -22.21
N ASP B 85 -16.02 -5.82 -22.05
CA ASP B 85 -17.00 -4.88 -22.53
C ASP B 85 -18.18 -4.62 -21.60
N ALA B 86 -18.20 -5.23 -20.42
CA ALA B 86 -19.29 -4.94 -19.48
C ALA B 86 -19.17 -3.51 -18.96
N ALA B 87 -20.31 -2.93 -18.59
CA ALA B 87 -20.39 -1.55 -18.12
C ALA B 87 -21.23 -1.46 -16.84
N TRP B 88 -20.83 -0.53 -15.96
CA TRP B 88 -21.59 -0.23 -14.77
C TRP B 88 -23.03 0.10 -15.14
N ASP B 89 -23.99 -0.39 -14.35
CA ASP B 89 -25.40 -0.15 -14.64
C ASP B 89 -25.90 1.18 -14.11
N GLY B 90 -25.05 1.95 -13.41
CA GLY B 90 -25.41 3.26 -12.93
C GLY B 90 -26.18 3.31 -11.62
N LEU B 91 -26.50 2.15 -11.04
CA LEU B 91 -27.31 2.11 -9.82
C LEU B 91 -26.75 1.21 -8.73
N SER B 92 -26.07 0.13 -9.14
CA SER B 92 -25.70 -0.96 -8.28
C SER B 92 -24.30 -0.79 -7.72
N GLU B 93 -24.08 -1.38 -6.55
CA GLU B 93 -22.73 -1.42 -6.02
C GLU B 93 -21.89 -2.37 -6.87
N VAL B 94 -20.59 -2.14 -6.82
CA VAL B 94 -19.57 -2.85 -7.58
C VAL B 94 -18.52 -3.29 -6.58
N GLN B 95 -17.55 -4.07 -7.05
CA GLN B 95 -16.40 -4.43 -6.22
C GLN B 95 -15.10 -4.13 -6.95
N LEU B 96 -14.19 -3.45 -6.27
CA LEU B 96 -12.81 -3.36 -6.72
C LEU B 96 -12.08 -4.60 -6.24
N LEU B 97 -11.59 -5.38 -7.19
CA LEU B 97 -10.74 -6.53 -6.87
C LEU B 97 -9.30 -6.00 -6.82
N ALA B 98 -8.97 -5.41 -5.66
CA ALA B 98 -7.69 -4.75 -5.49
C ALA B 98 -6.61 -5.80 -5.29
N VAL B 99 -5.48 -5.63 -5.98
CA VAL B 99 -4.32 -6.47 -5.73
C VAL B 99 -3.17 -5.56 -5.33
N PRO B 100 -3.11 -5.12 -4.08
CA PRO B 100 -2.06 -4.19 -3.67
C PRO B 100 -0.71 -4.90 -3.62
N PRO B 101 0.38 -4.15 -3.80
CA PRO B 101 1.71 -4.74 -3.57
C PRO B 101 1.81 -5.41 -2.19
N GLY B 102 2.28 -6.64 -2.19
CA GLY B 102 2.54 -7.36 -0.95
C GLY B 102 1.33 -7.91 -0.26
N GLU B 103 0.17 -7.87 -0.89
CA GLU B 103 -1.09 -8.24 -0.26
C GLU B 103 -1.91 -9.16 -1.15
N ARG B 104 -2.60 -10.09 -0.50
CA ARG B 104 -3.52 -10.98 -1.20
C ARG B 104 -4.63 -10.18 -1.90
N ALA B 105 -5.00 -10.63 -3.11
CA ALA B 105 -6.14 -10.04 -3.80
C ALA B 105 -7.33 -9.95 -2.86
N LYS B 106 -7.99 -8.79 -2.84
CA LYS B 106 -9.09 -8.58 -1.92
C LYS B 106 -10.16 -7.75 -2.61
N ASN B 107 -11.41 -8.00 -2.23
CA ASN B 107 -12.54 -7.31 -2.84
C ASN B 107 -13.03 -6.21 -1.92
N ILE B 108 -13.22 -5.02 -2.49
CA ILE B 108 -13.73 -3.85 -1.79
C ILE B 108 -15.02 -3.43 -2.49
N GLN B 109 -16.15 -3.50 -1.78
CA GLN B 109 -17.43 -3.13 -2.37
C GLN B 109 -17.72 -1.65 -2.17
N THR B 110 -18.32 -1.02 -3.18
CA THR B 110 -18.57 0.42 -3.11
C THR B 110 -19.69 0.75 -4.08
N LEU B 111 -20.39 1.87 -3.80
CA LEU B 111 -21.29 2.47 -4.79
C LEU B 111 -20.50 3.53 -5.56
N PRO B 112 -20.29 3.37 -6.86
CA PRO B 112 -19.56 4.39 -7.64
C PRO B 112 -20.26 5.75 -7.56
N GLY B 113 -19.45 6.82 -7.55
CA GLY B 113 -19.92 8.13 -7.96
C GLY B 113 -19.83 8.21 -9.48
N ILE B 114 -19.80 9.44 -9.99
CA ILE B 114 -19.93 9.68 -11.42
C ILE B 114 -18.95 10.77 -11.83
N PHE B 115 -18.19 10.51 -12.91
CA PHE B 115 -17.52 11.58 -13.66
C PHE B 115 -18.50 12.03 -14.74
N LYS B 116 -18.92 13.29 -14.68
CA LYS B 116 -19.75 13.86 -15.73
C LYS B 116 -18.84 14.56 -16.73
N THR B 117 -18.90 14.16 -17.99
CA THR B 117 -18.07 14.79 -19.02
C THR B 117 -18.94 15.23 -20.18
N LYS B 118 -18.36 16.10 -21.02
CA LYS B 118 -19.09 16.59 -22.19
C LYS B 118 -19.55 15.45 -23.10
N ASP B 119 -18.85 14.32 -23.04
CA ASP B 119 -19.15 13.17 -23.89
C ASP B 119 -19.88 12.07 -23.13
N GLY B 120 -20.42 12.35 -21.95
CA GLY B 120 -21.21 11.40 -21.20
C GLY B 120 -20.62 11.14 -19.83
N ASP B 121 -21.34 10.32 -19.07
CA ASP B 121 -20.98 10.01 -17.69
C ASP B 121 -20.22 8.69 -17.62
N ILE B 122 -19.33 8.62 -16.65
CA ILE B 122 -18.43 7.50 -16.38
C ILE B 122 -18.54 7.20 -14.91
N GLY B 123 -18.65 5.91 -14.55
CA GLY B 123 -18.58 5.56 -13.16
C GLY B 123 -17.22 5.90 -12.58
N ALA B 124 -17.18 6.13 -11.29
CA ALA B 124 -15.94 6.46 -10.61
C ALA B 124 -15.97 5.91 -9.19
N VAL B 125 -14.84 5.41 -8.72
CA VAL B 125 -14.79 4.85 -7.37
C VAL B 125 -13.85 5.68 -6.49
N ALA B 126 -14.36 6.07 -5.32
CA ALA B 126 -13.63 6.96 -4.41
C ALA B 126 -12.87 6.11 -3.40
N LEU B 127 -11.91 5.40 -3.96
CA LEU B 127 -11.05 4.48 -3.25
C LEU B 127 -9.61 4.79 -3.57
N ASP B 128 -8.74 4.75 -2.55
CA ASP B 128 -7.37 5.25 -2.67
C ASP B 128 -6.41 4.18 -2.19
N TYR B 129 -5.92 3.36 -3.13
CA TYR B 129 -4.97 2.29 -2.88
C TYR B 129 -3.60 2.62 -3.49
N PRO B 130 -2.54 1.92 -3.11
CA PRO B 130 -1.21 2.28 -3.60
C PRO B 130 -1.09 2.22 -5.12
N ALA B 131 -0.16 3.00 -5.68
CA ALA B 131 -0.09 3.16 -7.14
C ALA B 131 0.05 1.83 -7.87
N GLY B 132 0.77 0.89 -7.26
CA GLY B 132 0.97 -0.44 -7.81
C GLY B 132 -0.29 -1.27 -7.94
N THR B 133 -1.42 -0.73 -7.47
CA THR B 133 -2.74 -1.32 -7.62
C THR B 133 -3.38 -0.94 -8.95
N SER B 134 -2.78 0.00 -9.70
CA SER B 134 -3.35 0.44 -10.98
C SER B 134 -3.49 -0.74 -11.91
N GLY B 135 -4.66 -0.84 -12.56
CA GLY B 135 -4.96 -1.98 -13.42
C GLY B 135 -5.84 -3.01 -12.76
N SER B 136 -6.10 -2.86 -11.47
CA SER B 136 -6.98 -3.78 -10.78
C SER B 136 -8.38 -3.69 -11.37
N PRO B 137 -9.07 -4.82 -11.52
CA PRO B 137 -10.40 -4.81 -12.17
C PRO B 137 -11.47 -4.41 -11.18
N ILE B 138 -12.48 -3.73 -11.72
CA ILE B 138 -13.72 -3.42 -11.01
C ILE B 138 -14.77 -4.33 -11.61
N LEU B 139 -15.56 -4.97 -10.75
CA LEU B 139 -16.50 -6.02 -11.12
C LEU B 139 -17.95 -5.64 -10.83
N ASP B 140 -18.85 -6.09 -11.68
CA ASP B 140 -20.27 -6.00 -11.37
C ASP B 140 -20.68 -7.25 -10.58
N LYS B 141 -21.94 -7.29 -10.17
CA LYS B 141 -22.44 -8.38 -9.33
C LYS B 141 -22.35 -9.72 -10.04
N SER B 142 -22.35 -9.72 -11.35
CA SER B 142 -22.27 -10.96 -12.12
C SER B 142 -20.84 -11.47 -12.25
N GLY B 143 -19.86 -10.72 -11.75
CA GLY B 143 -18.46 -11.10 -11.85
C GLY B 143 -17.76 -10.60 -13.08
N ARG B 144 -18.43 -9.83 -13.94
CA ARG B 144 -17.80 -9.30 -15.14
C ARG B 144 -16.99 -8.05 -14.84
N VAL B 145 -15.87 -7.89 -15.55
CA VAL B 145 -15.02 -6.72 -15.40
C VAL B 145 -15.67 -5.56 -16.15
N ILE B 146 -16.04 -4.51 -15.41
CA ILE B 146 -16.65 -3.32 -15.96
C ILE B 146 -15.64 -2.20 -16.17
N GLY B 147 -14.39 -2.41 -15.79
CA GLY B 147 -13.35 -1.44 -16.07
C GLY B 147 -12.15 -1.71 -15.17
N LEU B 148 -11.12 -0.87 -15.34
CA LEU B 148 -9.90 -0.96 -14.56
C LEU B 148 -9.70 0.30 -13.72
N TYR B 149 -9.05 0.09 -12.58
CA TYR B 149 -8.81 1.11 -11.57
C TYR B 149 -7.46 1.77 -11.79
N GLY B 150 -7.42 3.09 -11.64
CA GLY B 150 -6.13 3.78 -11.57
C GLY B 150 -5.89 4.97 -12.47
N ASN B 151 -6.90 5.45 -13.18
CA ASN B 151 -6.80 6.75 -13.85
C ASN B 151 -7.92 7.62 -13.29
N GLY B 152 -7.59 8.77 -12.73
CA GLY B 152 -8.57 9.55 -12.02
C GLY B 152 -8.17 10.99 -11.73
N VAL B 153 -8.75 11.54 -10.66
CA VAL B 153 -8.60 12.94 -10.29
C VAL B 153 -8.56 12.99 -8.77
N VAL B 154 -8.09 14.12 -8.24
CA VAL B 154 -8.06 14.39 -6.80
C VAL B 154 -9.05 15.48 -6.43
N ILE B 155 -9.80 15.26 -5.34
CA ILE B 155 -10.72 16.27 -4.84
C ILE B 155 -10.33 16.78 -3.46
N GLY B 158 -8.58 16.08 -0.58
CA GLY B 158 -7.35 15.58 -1.19
C GLY B 158 -7.42 14.08 -1.48
N SER B 159 -8.65 13.57 -1.62
CA SER B 159 -8.86 12.16 -1.85
C SER B 159 -8.88 11.86 -3.34
N TYR B 160 -8.28 10.74 -3.69
CA TYR B 160 -8.27 10.30 -5.08
C TYR B 160 -9.58 9.63 -5.41
N VAL B 161 -10.02 9.83 -6.65
CA VAL B 161 -11.22 9.18 -7.20
C VAL B 161 -10.82 8.63 -8.56
N SER B 162 -11.04 7.33 -8.76
CA SER B 162 -10.66 6.67 -10.01
C SER B 162 -11.85 6.58 -10.94
N ALA B 163 -11.65 6.90 -12.21
CA ALA B 163 -12.63 6.49 -13.19
C ALA B 163 -12.73 4.97 -13.20
N ILE B 164 -13.90 4.47 -13.58
CA ILE B 164 -14.02 3.07 -14.01
C ILE B 164 -13.70 3.06 -15.51
N THR B 165 -12.47 2.72 -15.87
CA THR B 165 -12.00 2.84 -17.25
C THR B 165 -12.25 1.55 -17.98
N GLN B 166 -13.09 1.59 -19.01
CA GLN B 166 -13.42 0.44 -19.84
C GLN B 166 -13.07 0.74 -21.30
N GLY B 167 -12.56 -0.27 -22.01
CA GLY B 167 -12.24 -0.14 -23.41
C GLY B 167 -13.41 -0.50 -24.29
N LYS B 168 -13.10 -0.70 -25.58
CA LYS B 168 -14.10 -1.05 -26.57
C LYS B 168 -13.77 -2.42 -27.13
N ARG B 169 -14.74 -3.31 -27.10
CA ARG B 169 -14.61 -4.60 -27.76
C ARG B 169 -15.36 -4.55 -29.09
N ASP C 7 9.98 -19.59 17.53
CA ASP C 7 8.94 -19.19 16.59
C ASP C 7 9.28 -18.01 15.66
N MET C 8 9.91 -16.92 16.12
CA MET C 8 10.32 -15.84 15.23
C MET C 8 11.82 -15.60 15.31
N TYR C 9 12.37 -15.01 14.25
CA TYR C 9 13.77 -14.66 14.19
C TYR C 9 13.92 -13.35 13.43
N ILE C 10 15.09 -12.74 13.53
CA ILE C 10 15.29 -11.45 12.86
C ILE C 10 16.40 -11.59 11.83
N GLU C 11 16.27 -10.84 10.73
CA GLU C 11 17.32 -10.81 9.71
C GLU C 11 17.51 -9.41 9.19
N ARG C 12 18.77 -9.06 8.94
CA ARG C 12 19.12 -7.70 8.56
C ARG C 12 18.45 -7.30 7.25
N ALA C 13 17.94 -6.07 7.23
CA ALA C 13 17.36 -5.47 6.03
C ALA C 13 18.08 -4.21 5.56
N GLY C 14 18.90 -3.58 6.38
CA GLY C 14 19.65 -2.45 5.89
C GLY C 14 20.23 -1.61 7.01
N ASP C 15 20.99 -0.59 6.58
CA ASP C 15 21.44 0.47 7.46
C ASP C 15 20.32 1.49 7.62
N ILE C 16 20.35 2.23 8.72
CA ILE C 16 19.38 3.28 8.98
C ILE C 16 20.00 4.61 8.58
N THR C 17 19.56 5.16 7.45
CA THR C 17 20.10 6.42 6.97
C THR C 17 19.02 7.18 6.22
N TRP C 18 19.11 8.51 6.29
CA TRP C 18 18.34 9.38 5.43
C TRP C 18 18.88 9.29 4.01
N GLU C 19 17.99 9.29 3.01
CA GLU C 19 18.40 9.23 1.61
C GLU C 19 18.09 10.56 0.95
N LYS C 20 19.12 11.21 0.41
CA LYS C 20 18.95 12.58 -0.11
C LYS C 20 18.04 12.65 -1.31
N ASP C 21 17.98 11.64 -2.16
CA ASP C 21 17.16 11.75 -3.35
C ASP C 21 15.94 10.86 -3.25
N ALA C 22 15.30 10.87 -2.08
CA ALA C 22 14.10 10.09 -1.86
C ALA C 22 12.91 10.78 -2.51
N GLU C 23 11.99 9.97 -3.03
CA GLU C 23 10.71 10.48 -3.50
C GLU C 23 9.92 11.04 -2.32
N VAL C 24 9.27 12.20 -2.55
CA VAL C 24 8.30 12.76 -1.62
C VAL C 24 6.91 12.32 -2.04
N THR C 25 6.09 11.93 -1.07
CA THR C 25 4.71 11.57 -1.36
C THR C 25 3.88 11.55 -0.09
N GLY C 26 2.58 11.44 -0.28
CA GLY C 26 1.64 11.43 0.82
C GLY C 26 1.12 12.81 1.14
N ASN C 27 -0.09 12.83 1.70
CA ASN C 27 -0.65 14.07 2.23
C ASN C 27 -0.37 14.15 3.73
N SER C 28 -0.98 15.14 4.38
CA SER C 28 -0.66 15.51 5.77
C SER C 28 -1.97 15.71 6.51
N PRO C 29 -2.75 14.66 6.67
CA PRO C 29 -4.09 14.82 7.26
C PRO C 29 -4.06 15.13 8.74
N ARG C 30 -5.03 15.91 9.14
CA ARG C 30 -5.26 16.23 10.55
C ARG C 30 -6.54 15.47 10.94
N LEU C 31 -6.38 14.43 11.76
CA LEU C 31 -7.47 13.49 12.06
C LEU C 31 -7.75 13.44 13.56
N ASP C 32 -9.02 13.50 13.92
CA ASP C 32 -9.45 13.26 15.29
C ASP C 32 -9.52 11.76 15.54
N VAL C 33 -8.73 11.25 16.50
CA VAL C 33 -8.68 9.83 16.80
C VAL C 33 -8.76 9.58 18.31
N ALA C 34 -9.08 8.35 18.63
CA ALA C 34 -9.09 7.87 20.02
C ALA C 34 -8.17 6.66 20.10
N LEU C 35 -7.45 6.54 21.21
CA LEU C 35 -6.55 5.42 21.49
C LEU C 35 -7.15 4.60 22.63
N ASP C 36 -7.54 3.36 22.38
CA ASP C 36 -8.21 2.59 23.43
C ASP C 36 -7.18 1.83 24.26
N GLU C 37 -7.65 1.22 25.37
CA GLU C 37 -6.72 0.58 26.29
C GLU C 37 -5.98 -0.58 25.64
N SER C 38 -6.49 -1.10 24.52
CA SER C 38 -5.79 -2.16 23.79
C SER C 38 -4.72 -1.64 22.84
N GLY C 39 -4.52 -0.33 22.75
CA GLY C 39 -3.51 0.18 21.85
C GLY C 39 -3.98 0.36 20.44
N ASP C 40 -5.29 0.33 20.21
CA ASP C 40 -5.86 0.53 18.89
C ASP C 40 -6.39 1.94 18.73
N PHE C 41 -6.06 2.55 17.59
CA PHE C 41 -6.59 3.85 17.20
C PHE C 41 -7.89 3.64 16.45
N SER C 42 -8.81 4.58 16.62
CA SER C 42 -10.03 4.65 15.81
C SER C 42 -10.34 6.09 15.48
N LEU C 43 -11.09 6.29 14.40
CA LEU C 43 -11.57 7.62 14.05
C LEU C 43 -12.72 7.99 14.96
N VAL C 44 -12.80 9.26 15.31
CA VAL C 44 -13.87 9.69 16.18
C VAL C 44 -15.10 10.07 15.36
N LYS D 13 35.22 -6.93 16.97
CA LYS D 13 35.84 -5.99 17.92
C LYS D 13 34.92 -5.77 19.12
N LYS D 14 35.52 -5.52 20.29
CA LYS D 14 34.72 -5.33 21.49
C LYS D 14 33.96 -4.01 21.39
N GLY D 15 32.63 -4.09 21.59
CA GLY D 15 31.75 -2.97 21.42
C GLY D 15 31.09 -2.86 20.06
N GLU D 16 31.43 -3.74 19.13
CA GLU D 16 30.81 -3.69 17.81
C GLU D 16 29.41 -4.30 17.85
N THR D 17 28.39 -3.47 17.62
CA THR D 17 27.00 -3.91 17.65
C THR D 17 26.46 -4.09 16.23
N THR D 18 25.32 -4.77 16.15
CA THR D 18 24.66 -5.10 14.89
C THR D 18 23.54 -4.13 14.54
N ASP D 19 23.79 -2.81 14.71
CA ASP D 19 22.80 -1.78 14.43
C ASP D 19 22.26 -1.89 13.01
N GLY D 20 21.01 -1.55 12.85
CA GLY D 20 20.39 -1.58 11.54
C GLY D 20 18.91 -1.81 11.67
N VAL D 21 18.25 -1.93 10.51
CA VAL D 21 16.84 -2.30 10.46
C VAL D 21 16.76 -3.76 10.08
N TYR D 22 15.80 -4.48 10.69
CA TYR D 22 15.71 -5.93 10.62
C TYR D 22 14.27 -6.33 10.31
N ARG D 23 14.13 -7.39 9.53
CA ARG D 23 12.85 -8.04 9.33
C ARG D 23 12.59 -8.99 10.48
N VAL D 24 11.33 -9.09 10.90
CA VAL D 24 10.89 -10.07 11.88
C VAL D 24 10.13 -11.15 11.15
N MET D 25 10.69 -12.36 11.15
CA MET D 25 10.25 -13.46 10.32
C MET D 25 9.70 -14.60 11.17
N THR D 26 8.69 -15.28 10.63
CA THR D 26 8.30 -16.55 11.23
C THR D 26 9.16 -17.66 10.64
N ARG D 27 9.25 -18.76 11.36
CA ARG D 27 10.07 -19.84 10.84
C ARG D 27 9.27 -20.63 9.81
N ARG D 28 9.94 -21.59 9.19
CA ARG D 28 9.38 -22.25 8.01
C ARG D 28 8.06 -22.95 8.30
N LEU D 29 7.79 -23.29 9.56
CA LEU D 29 6.51 -23.90 9.92
C LEU D 29 5.33 -23.01 9.54
N LEU D 30 5.52 -21.69 9.57
CA LEU D 30 4.47 -20.70 9.37
C LEU D 30 4.66 -19.92 8.07
N GLY D 31 5.14 -20.61 7.03
CA GLY D 31 5.29 -20.00 5.72
C GLY D 31 6.49 -19.09 5.55
N SER D 32 7.34 -18.95 6.56
CA SER D 32 8.50 -18.05 6.48
C SER D 32 8.05 -16.65 6.07
N THR D 33 7.09 -16.12 6.84
CA THR D 33 6.43 -14.86 6.58
C THR D 33 7.10 -13.73 7.34
N GLN D 34 7.11 -12.55 6.75
CA GLN D 34 7.57 -11.36 7.45
C GLN D 34 6.36 -10.79 8.20
N VAL D 35 6.40 -10.81 9.53
CA VAL D 35 5.29 -10.27 10.32
C VAL D 35 5.57 -8.86 10.80
N GLY D 36 6.81 -8.40 10.73
CA GLY D 36 7.11 -7.03 11.03
C GLY D 36 8.58 -6.73 10.79
N VAL D 37 9.00 -5.65 11.45
CA VAL D 37 10.29 -4.99 11.25
C VAL D 37 10.68 -4.42 12.59
N GLY D 38 11.98 -4.20 12.79
CA GLY D 38 12.39 -3.48 13.98
C GLY D 38 13.77 -2.86 13.80
N VAL D 39 14.18 -2.13 14.84
CA VAL D 39 15.40 -1.34 14.85
C VAL D 39 16.34 -1.89 15.90
N MET D 40 17.55 -2.28 15.47
CA MET D 40 18.63 -2.59 16.40
C MET D 40 19.43 -1.32 16.60
N GLN D 41 19.49 -0.84 17.86
CA GLN D 41 20.29 0.35 18.12
C GLN D 41 20.81 0.24 19.54
N GLU D 42 22.12 0.46 19.70
CA GLU D 42 22.75 0.50 21.02
C GLU D 42 22.49 -0.80 21.80
N GLY D 43 22.48 -1.90 21.06
CA GLY D 43 22.37 -3.21 21.64
C GLY D 43 20.98 -3.64 21.99
N VAL D 44 19.97 -2.86 21.62
CA VAL D 44 18.58 -3.10 21.97
C VAL D 44 17.76 -3.23 20.69
N PHE D 45 16.86 -4.20 20.66
CA PHE D 45 15.97 -4.36 19.53
C PHE D 45 14.61 -3.75 19.86
N HIS D 46 14.15 -2.87 18.97
CA HIS D 46 12.90 -2.11 19.14
C HIS D 46 11.89 -2.52 18.08
N THR D 47 10.69 -2.91 18.50
CA THR D 47 9.63 -3.19 17.53
C THR D 47 8.28 -2.87 18.15
N MET D 48 7.21 -3.13 17.41
CA MET D 48 5.87 -2.87 17.95
C MET D 48 5.30 -4.14 18.59
N TRP D 49 4.56 -3.94 19.68
CA TRP D 49 4.01 -5.07 20.43
C TRP D 49 3.16 -5.97 19.54
N HIS D 50 2.32 -5.38 18.67
CA HIS D 50 1.44 -6.23 17.89
C HIS D 50 2.20 -7.13 16.93
N VAL D 51 3.47 -6.87 16.68
CA VAL D 51 4.25 -7.72 15.79
C VAL D 51 4.68 -9.01 16.48
N THR D 52 5.26 -8.92 17.69
CA THR D 52 5.79 -10.10 18.35
C THR D 52 5.00 -10.54 19.57
N LYS D 53 4.15 -9.67 20.10
CA LYS D 53 3.45 -9.85 21.36
C LYS D 53 4.45 -10.10 22.49
N GLY D 54 5.65 -9.55 22.35
CA GLY D 54 6.68 -9.72 23.35
C GLY D 54 7.42 -11.03 23.31
N ALA D 55 7.11 -11.93 22.37
CA ALA D 55 7.76 -13.23 22.32
C ALA D 55 9.26 -13.11 22.06
N ALA D 56 10.01 -14.08 22.59
CA ALA D 56 11.45 -14.12 22.36
C ALA D 56 11.77 -14.32 20.88
N LEU D 57 12.92 -13.78 20.46
CA LEU D 57 13.34 -13.78 19.07
C LEU D 57 14.67 -14.46 18.93
N ARG D 58 14.84 -15.21 17.85
CA ARG D 58 16.12 -15.80 17.50
C ARG D 58 16.91 -14.81 16.65
N SER D 59 18.20 -14.67 16.96
CA SER D 59 19.12 -13.80 16.24
C SER D 59 20.37 -14.61 15.94
N GLY D 60 20.43 -15.17 14.74
CA GLY D 60 21.44 -16.15 14.46
C GLY D 60 21.32 -17.24 15.52
N GLU D 61 22.36 -17.38 16.34
CA GLU D 61 22.39 -18.42 17.36
C GLU D 61 22.13 -17.88 18.77
N GLY D 62 21.80 -16.58 18.90
CA GLY D 62 21.42 -16.01 20.17
C GLY D 62 19.91 -15.79 20.28
N ARG D 63 19.44 -15.70 21.51
CA ARG D 63 18.04 -15.39 21.79
C ARG D 63 17.92 -13.98 22.33
N LEU D 64 16.93 -13.24 21.85
CA LEU D 64 16.64 -11.93 22.38
C LEU D 64 15.41 -12.02 23.27
N ASP D 65 15.58 -11.62 24.53
CA ASP D 65 14.49 -11.66 25.48
C ASP D 65 13.88 -10.27 25.69
N PRO D 66 12.56 -10.16 25.88
CA PRO D 66 11.97 -8.83 26.08
C PRO D 66 12.45 -8.24 27.38
N TYR D 67 12.54 -6.93 27.37
CA TYR D 67 13.01 -6.14 28.51
C TYR D 67 11.99 -5.12 28.97
N TRP D 68 11.24 -4.54 28.06
CA TRP D 68 10.23 -3.55 28.39
C TRP D 68 9.15 -3.68 27.35
N GLY D 69 7.90 -3.52 27.77
CA GLY D 69 6.87 -3.36 26.75
C GLY D 69 5.62 -2.71 27.32
N ASP D 70 4.79 -2.20 26.41
CA ASP D 70 3.58 -1.52 26.83
C ASP D 70 2.55 -1.69 25.71
N VAL D 71 1.46 -2.39 26.01
CA VAL D 71 0.43 -2.71 25.01
C VAL D 71 -0.22 -1.45 24.47
N LYS D 72 -0.50 -0.48 25.33
CA LYS D 72 -1.20 0.71 24.85
C LYS D 72 -0.33 1.54 23.92
N GLN D 73 0.96 1.71 24.24
CA GLN D 73 1.89 2.37 23.33
C GLN D 73 2.17 1.51 22.10
N ASP D 74 1.92 0.20 22.20
CA ASP D 74 2.17 -0.77 21.15
C ASP D 74 3.66 -0.88 20.83
N LEU D 75 4.49 -0.95 21.88
CA LEU D 75 5.92 -1.01 21.71
C LEU D 75 6.54 -2.05 22.62
N VAL D 76 7.67 -2.59 22.19
CA VAL D 76 8.43 -3.53 23.02
C VAL D 76 9.90 -3.37 22.70
N SER D 77 10.75 -3.50 23.72
CA SER D 77 12.19 -3.57 23.51
C SER D 77 12.75 -4.88 24.04
N TYR D 78 13.84 -5.32 23.40
CA TYR D 78 14.54 -6.54 23.73
C TYR D 78 15.99 -6.23 24.08
N CYS D 79 16.51 -6.92 25.10
CA CYS D 79 17.89 -6.93 25.55
C CYS D 79 18.24 -5.73 26.41
N GLY D 80 17.40 -4.71 26.46
CA GLY D 80 17.66 -3.54 27.25
C GLY D 80 16.53 -2.56 27.08
N PRO D 81 16.66 -1.40 27.73
CA PRO D 81 15.59 -0.41 27.70
C PRO D 81 15.50 0.29 26.36
N TRP D 82 14.32 0.85 26.08
CA TRP D 82 14.05 1.62 24.88
C TRP D 82 15.08 2.74 24.72
N LYS D 83 15.74 2.78 23.57
CA LYS D 83 16.86 3.68 23.33
C LYS D 83 16.50 4.88 22.46
N LEU D 84 15.37 4.86 21.78
CA LEU D 84 15.10 5.83 20.73
C LEU D 84 14.29 6.98 21.31
N ASP D 85 14.86 8.19 21.29
CA ASP D 85 14.08 9.29 21.85
C ASP D 85 14.14 10.58 21.02
N ALA D 86 14.57 10.52 19.78
CA ALA D 86 14.37 11.67 18.90
C ALA D 86 12.88 11.85 18.64
N ALA D 87 12.46 13.10 18.48
CA ALA D 87 11.06 13.43 18.25
C ALA D 87 10.90 14.23 16.97
N TRP D 88 9.78 14.01 16.28
CA TRP D 88 9.43 14.85 15.16
C TRP D 88 9.32 16.29 15.62
N ASP D 89 9.91 17.21 14.87
CA ASP D 89 9.92 18.60 15.28
C ASP D 89 8.62 19.32 14.93
N GLY D 90 7.64 18.62 14.36
CA GLY D 90 6.36 19.22 14.02
C GLY D 90 6.36 20.09 12.78
N LEU D 91 7.46 20.17 12.08
CA LEU D 91 7.61 21.14 11.01
C LEU D 91 8.28 20.59 9.77
N SER D 92 9.23 19.67 9.91
CA SER D 92 10.05 19.19 8.81
C SER D 92 9.49 17.89 8.24
N GLU D 93 9.82 17.64 6.98
CA GLU D 93 9.55 16.36 6.36
C GLU D 93 10.41 15.29 7.02
N VAL D 94 9.91 14.06 6.94
CA VAL D 94 10.53 12.90 7.55
C VAL D 94 10.64 11.84 6.47
N GLN D 95 11.32 10.73 6.78
CA GLN D 95 11.38 9.60 5.88
C GLN D 95 10.97 8.30 6.58
N LEU D 96 10.04 7.57 5.97
CA LEU D 96 9.77 6.20 6.36
C LEU D 96 10.80 5.32 5.66
N LEU D 97 11.57 4.58 6.45
CA LEU D 97 12.48 3.57 5.90
C LEU D 97 11.64 2.30 5.85
N ALA D 98 10.85 2.18 4.80
CA ALA D 98 9.93 1.07 4.66
C ALA D 98 10.67 -0.20 4.34
N VAL D 99 10.36 -1.25 5.08
CA VAL D 99 10.90 -2.58 4.80
C VAL D 99 9.72 -3.49 4.53
N PRO D 100 9.15 -3.47 3.32
CA PRO D 100 7.98 -4.29 3.06
C PRO D 100 8.36 -5.75 2.86
N PRO D 101 7.50 -6.67 3.24
CA PRO D 101 7.77 -8.08 2.96
C PRO D 101 8.13 -8.30 1.49
N GLY D 102 9.21 -9.05 1.27
CA GLY D 102 9.56 -9.43 -0.08
C GLY D 102 10.20 -8.35 -0.92
N GLU D 103 10.50 -7.20 -0.35
CA GLU D 103 11.03 -6.07 -1.09
C GLU D 103 12.19 -5.46 -0.33
N ARG D 104 13.11 -4.88 -1.10
CA ARG D 104 14.25 -4.19 -0.54
C ARG D 104 13.80 -2.95 0.22
N ALA D 105 14.52 -2.62 1.29
CA ALA D 105 14.22 -1.42 2.06
C ALA D 105 14.33 -0.18 1.17
N LYS D 106 13.40 0.75 1.35
CA LYS D 106 13.37 1.97 0.55
C LYS D 106 12.94 3.12 1.43
N ASN D 107 13.49 4.30 1.15
CA ASN D 107 13.13 5.50 1.90
C ASN D 107 12.04 6.25 1.15
N ILE D 108 11.00 6.65 1.89
CA ILE D 108 9.90 7.46 1.34
C ILE D 108 9.80 8.72 2.19
N GLN D 109 9.90 9.90 1.54
CA GLN D 109 9.84 11.18 2.25
C GLN D 109 8.41 11.71 2.25
N THR D 110 8.03 12.36 3.34
CA THR D 110 6.66 12.84 3.48
C THR D 110 6.65 13.92 4.55
N LEU D 111 5.62 14.78 4.48
CA LEU D 111 5.30 15.69 5.58
C LEU D 111 4.21 15.05 6.42
N PRO D 112 4.47 14.72 7.69
CA PRO D 112 3.41 14.15 8.53
C PRO D 112 2.19 15.07 8.65
N GLY D 113 1.04 14.43 8.77
CA GLY D 113 -0.14 15.06 9.34
C GLY D 113 -0.14 14.82 10.84
N ILE D 114 -1.34 14.89 11.42
CA ILE D 114 -1.51 14.93 12.87
C ILE D 114 -2.66 14.01 13.28
N PHE D 115 -2.41 13.15 14.27
CA PHE D 115 -3.48 12.52 15.04
C PHE D 115 -3.81 13.45 16.21
N LYS D 116 -5.04 13.96 16.26
CA LYS D 116 -5.49 14.78 17.38
C LYS D 116 -6.26 13.88 18.35
N THR D 117 -5.80 13.80 19.59
CA THR D 117 -6.48 13.03 20.62
C THR D 117 -6.80 13.92 21.82
N LYS D 118 -7.62 13.37 22.72
CA LYS D 118 -7.95 14.07 23.96
C LYS D 118 -6.72 14.38 24.80
N ASP D 119 -5.60 13.68 24.55
CA ASP D 119 -4.40 13.81 25.35
C ASP D 119 -3.26 14.48 24.60
N GLY D 120 -3.55 15.15 23.49
CA GLY D 120 -2.54 15.85 22.74
C GLY D 120 -2.36 15.26 21.35
N ASP D 121 -1.45 15.88 20.61
CA ASP D 121 -1.28 15.61 19.19
C ASP D 121 -0.05 14.74 18.96
N ILE D 122 -0.16 13.85 18.00
CA ILE D 122 0.89 12.92 17.59
C ILE D 122 1.08 13.11 16.09
N GLY D 123 2.33 13.13 15.63
CA GLY D 123 2.55 13.07 14.20
C GLY D 123 2.07 11.76 13.59
N ALA D 124 1.68 11.83 12.32
CA ALA D 124 1.12 10.69 11.62
C ALA D 124 1.54 10.75 10.15
N VAL D 125 1.82 9.60 9.56
CA VAL D 125 2.22 9.54 8.15
C VAL D 125 1.18 8.81 7.31
N ALA D 126 0.76 9.44 6.22
CA ALA D 126 -0.24 8.91 5.30
C ALA D 126 0.49 8.15 4.18
N LEU D 127 1.05 7.02 4.57
CA LEU D 127 1.77 6.08 3.71
C LEU D 127 1.22 4.69 3.97
N ASP D 128 0.89 3.98 2.88
CA ASP D 128 0.13 2.73 2.96
C ASP D 128 0.97 1.55 2.48
N TYR D 129 1.38 0.71 3.45
CA TYR D 129 2.18 -0.48 3.20
C TYR D 129 1.54 -1.68 3.88
N PRO D 130 1.90 -2.91 3.46
CA PRO D 130 1.29 -4.09 4.08
C PRO D 130 1.62 -4.18 5.57
N ALA D 131 0.80 -4.94 6.26
CA ALA D 131 0.90 -5.08 7.71
C ALA D 131 2.27 -5.53 8.19
N GLY D 132 2.95 -6.39 7.44
CA GLY D 132 4.29 -6.85 7.83
C GLY D 132 5.39 -5.81 7.75
N THR D 133 5.06 -4.60 7.28
CA THR D 133 5.96 -3.45 7.29
C THR D 133 5.97 -2.79 8.67
N SER D 134 5.05 -3.16 9.54
CA SER D 134 4.98 -2.62 10.90
C SER D 134 6.30 -2.76 11.62
N GLY D 135 6.71 -1.68 12.27
CA GLY D 135 7.96 -1.55 12.96
C GLY D 135 9.04 -0.89 12.15
N SER D 136 8.77 -0.57 10.89
CA SER D 136 9.75 0.16 10.09
C SER D 136 9.98 1.53 10.71
N PRO D 137 11.23 2.00 10.75
CA PRO D 137 11.51 3.29 11.39
C PRO D 137 11.19 4.49 10.52
N ILE D 138 10.77 5.55 11.19
CA ILE D 138 10.57 6.88 10.63
C ILE D 138 11.73 7.75 11.12
N LEU D 139 12.32 8.51 10.19
CA LEU D 139 13.60 9.17 10.40
C LEU D 139 13.50 10.67 10.25
N ASP D 140 14.28 11.39 11.04
CA ASP D 140 14.48 12.81 10.75
C ASP D 140 15.70 13.00 9.85
N LYS D 141 16.00 14.27 9.53
CA LYS D 141 17.03 14.56 8.53
C LYS D 141 18.43 14.17 8.99
N SER D 142 18.62 14.05 10.31
CA SER D 142 19.87 13.56 10.88
C SER D 142 20.00 12.05 10.81
N GLY D 143 18.97 11.37 10.34
CA GLY D 143 18.98 9.93 10.31
C GLY D 143 18.54 9.27 11.59
N ARG D 144 18.03 10.04 12.55
CA ARG D 144 17.64 9.52 13.84
C ARG D 144 16.23 8.97 13.76
N VAL D 145 15.94 7.94 14.55
CA VAL D 145 14.62 7.32 14.51
C VAL D 145 13.70 8.10 15.44
N ILE D 146 12.67 8.72 14.85
CA ILE D 146 11.70 9.51 15.59
C ILE D 146 10.46 8.71 15.93
N GLY D 147 10.38 7.47 15.47
CA GLY D 147 9.36 6.53 15.90
C GLY D 147 9.24 5.39 14.90
N LEU D 148 8.29 4.49 15.20
CA LEU D 148 8.02 3.33 14.36
C LEU D 148 6.65 3.42 13.69
N TYR D 149 6.59 2.87 12.48
CA TYR D 149 5.42 2.85 11.60
C TYR D 149 4.60 1.60 11.84
N GLY D 150 3.27 1.75 11.89
CA GLY D 150 2.44 0.57 11.90
C GLY D 150 1.30 0.45 12.89
N ASN D 151 1.10 1.47 13.72
CA ASN D 151 -0.11 1.56 14.52
C ASN D 151 -0.89 2.79 14.08
N GLY D 152 -2.07 2.56 13.53
CA GLY D 152 -2.77 3.61 12.83
C GLY D 152 -4.23 3.30 12.61
N VAL D 153 -4.78 3.93 11.56
CA VAL D 153 -6.20 3.84 11.23
C VAL D 153 -6.36 3.73 9.71
N VAL D 154 -7.42 3.03 9.28
CA VAL D 154 -7.88 3.04 7.90
C VAL D 154 -8.94 4.11 7.78
N ILE D 155 -8.80 4.97 6.78
CA ILE D 155 -9.77 6.04 6.60
C ILE D 155 -10.78 5.66 5.53
N LYS D 156 -11.64 6.61 5.21
CA LYS D 156 -12.87 6.30 4.54
C LYS D 156 -12.65 5.85 3.11
N ASN D 157 -11.61 6.35 2.45
CA ASN D 157 -11.34 5.97 1.07
C ASN D 157 -10.53 4.69 0.97
N GLY D 158 -10.28 4.03 2.10
CA GLY D 158 -9.60 2.76 2.11
C GLY D 158 -8.12 2.83 2.39
N SER D 159 -7.54 4.04 2.37
CA SER D 159 -6.11 4.17 2.64
C SER D 159 -5.80 4.12 4.14
N TYR D 160 -4.51 4.16 4.45
CA TYR D 160 -4.01 3.92 5.80
C TYR D 160 -3.15 5.08 6.24
N VAL D 161 -3.32 5.47 7.50
CA VAL D 161 -2.50 6.51 8.13
C VAL D 161 -1.93 5.93 9.43
N SER D 162 -0.60 6.04 9.59
CA SER D 162 0.10 5.50 10.75
C SER D 162 0.50 6.60 11.72
N ALA D 163 0.35 6.35 13.02
CA ALA D 163 0.96 7.25 13.99
C ALA D 163 2.47 7.15 13.84
N ILE D 164 3.18 8.20 14.24
CA ILE D 164 4.63 8.12 14.47
C ILE D 164 4.78 7.72 15.95
N THR D 165 4.93 6.42 16.22
CA THR D 165 4.90 5.91 17.57
C THR D 165 6.31 5.89 18.14
N GLN D 166 6.54 6.66 19.19
CA GLN D 166 7.85 6.73 19.83
C GLN D 166 7.74 6.40 21.31
N GLY D 167 8.76 5.72 21.81
CA GLY D 167 8.86 5.43 23.22
C GLY D 167 9.69 6.44 23.99
N LYS D 168 9.86 6.17 25.26
CA LYS D 168 10.64 7.01 26.17
C LYS D 168 11.97 6.31 26.47
N ARG D 169 13.05 7.08 26.50
CA ARG D 169 14.36 6.52 26.90
C ARG D 169 14.66 6.61 28.40
C5 A1CDQ E . 7.09 -12.77 27.45
C6 A1CDQ E . 6.18 -11.79 26.76
C8 A1CDQ E . 6.09 -9.61 27.84
C10 A1CDQ E . 7.35 -7.64 27.44
C13 A1CDQ E . 5.34 -8.94 28.79
C11 A1CDQ E . 6.61 -6.96 28.39
C12 A1CDQ E . 5.60 -7.61 29.06
C2 A1CDQ E . 5.07 -12.68 26.22
C3 A1CDQ E . 5.82 -13.87 25.69
C9 A1CDQ E . 7.10 -8.97 27.17
N4 A1CDQ E . 6.90 -14.06 26.72
O1 A1CDQ E . 4.23 -13.17 27.28
O7 A1CDQ E . 5.61 -10.90 27.73
H5B A1CDQ E . 6.86 -12.92 28.39
H5A A1CDQ E . 8.04 -12.52 27.37
H6 A1CDQ E . 6.61 -11.34 26.01
H10 A1CDQ E . 8.07 -7.16 26.96
H13 A1CDQ E . 4.62 -9.37 29.30
H11 A1CDQ E . 6.80 -6.02 28.57
H12 A1CDQ E . 5.08 -7.13 29.73
H2 A1CDQ E . 4.51 -12.21 25.57
H3A A1CDQ E . 6.25 -13.70 24.83
H3B A1CDQ E . 5.29 -14.69 25.67
H9 A1CDQ E . 7.64 -9.43 26.49
H4 A1CDQ E . 7.65 -14.31 26.32
H1 A1CDQ E . 4.33 -12.64 27.93
H4B A1CDQ E . 6.67 -14.71 27.28
#